data_8Z84
#
_entry.id   8Z84
#
_cell.length_a   64.382
_cell.length_b   74.280
_cell.length_c   101.797
_cell.angle_alpha   90.000
_cell.angle_beta   90.000
_cell.angle_gamma   90.000
#
_symmetry.space_group_name_H-M   'I 21 21 21'
#
loop_
_entity.id
_entity.type
_entity.pdbx_description
1 polymer 'Bifunctional diguanylate cyclase/phosphodiesterase'
2 water water
#
_entity_poly.entity_id   1
_entity_poly.type   'polypeptide(L)'
_entity_poly.pdbx_seq_one_letter_code
;GSIARHQDDIAIEQSHFYVEKALQNRRENSEQFSTTYSFWTDAYVYLGNRVDADWAFTKNNLGSVLYTTNGYDGVFVIDD
RGTRYAMLEGELSERSLADSLNADTGDILRSARRAAVDEAAISRYVDFDGAPAILVASAIKPTSDHAPIDLAKASVMVFV
DRLTPAKLAKLGGDYGIANLHLLAGGAAGDKESLALEGTPHRLAWVSSRPGSAMLRET
;
_entity_poly.pdbx_strand_id   A
#
# COMPACT_ATOMS: atom_id res chain seq x y z
N SER A 2 -28.76 -16.61 -22.07
CA SER A 2 -30.21 -16.80 -22.01
C SER A 2 -30.82 -15.84 -20.98
N ILE A 3 -30.01 -14.91 -20.49
CA ILE A 3 -30.45 -13.96 -19.48
C ILE A 3 -30.14 -12.56 -19.97
N ALA A 4 -31.17 -11.75 -20.15
CA ALA A 4 -30.99 -10.40 -20.64
C ALA A 4 -30.84 -9.44 -19.46
N ARG A 5 -30.33 -8.25 -19.73
CA ARG A 5 -30.01 -7.35 -18.64
C ARG A 5 -30.22 -5.90 -19.06
N HIS A 6 -30.61 -5.08 -18.08
CA HIS A 6 -30.71 -3.64 -18.28
C HIS A 6 -29.35 -3.02 -18.64
N GLN A 7 -29.36 -2.14 -19.65
CA GLN A 7 -28.17 -1.38 -20.03
C GLN A 7 -27.56 -0.65 -18.84
N ASP A 8 -28.41 -0.07 -18.00
CA ASP A 8 -27.90 0.64 -16.83
C ASP A 8 -27.35 -0.36 -15.82
N ASP A 9 -27.91 -1.58 -15.75
CA ASP A 9 -27.47 -2.57 -14.77
C ASP A 9 -26.13 -3.19 -15.14
N ILE A 10 -25.98 -3.65 -16.39
CA ILE A 10 -24.73 -4.27 -16.79
C ILE A 10 -23.58 -3.28 -16.65
N ALA A 11 -23.83 -2.00 -16.98
CA ALA A 11 -22.88 -0.92 -16.73
C ALA A 11 -22.43 -0.93 -15.27
N ILE A 12 -23.40 -1.00 -14.36
CA ILE A 12 -23.10 -0.98 -12.93
C ILE A 12 -22.25 -2.18 -12.53
N GLU A 13 -22.59 -3.37 -13.03
CA GLU A 13 -21.82 -4.56 -12.67
C GLU A 13 -20.37 -4.49 -13.19
N GLN A 14 -20.19 -4.17 -14.48
CA GLN A 14 -18.83 -4.00 -14.98
C GLN A 14 -18.09 -2.92 -14.21
N SER A 15 -18.75 -1.81 -13.88
CA SER A 15 -18.03 -0.73 -13.23
C SER A 15 -17.50 -1.16 -11.86
N HIS A 16 -18.28 -1.95 -11.11
CA HIS A 16 -17.77 -2.48 -9.84
C HIS A 16 -16.56 -3.39 -10.05
N PHE A 17 -16.66 -4.28 -11.04
CA PHE A 17 -15.57 -5.20 -11.36
C PHE A 17 -14.26 -4.44 -11.63
N TYR A 18 -14.34 -3.32 -12.34
CA TYR A 18 -13.12 -2.63 -12.73
C TYR A 18 -12.60 -1.73 -11.64
N VAL A 19 -13.47 -1.19 -10.77
CA VAL A 19 -12.93 -0.50 -9.61
C VAL A 19 -12.20 -1.50 -8.72
N GLU A 20 -12.83 -2.65 -8.46
CA GLU A 20 -12.18 -3.68 -7.67
C GLU A 20 -10.89 -4.17 -8.31
N LYS A 21 -10.87 -4.34 -9.63
CA LYS A 21 -9.61 -4.69 -10.31
C LYS A 21 -8.58 -3.58 -10.17
N ALA A 22 -9.02 -2.32 -10.26
CA ALA A 22 -8.06 -1.23 -10.13
C ALA A 22 -7.36 -1.28 -8.77
N LEU A 23 -8.12 -1.58 -7.71
CA LEU A 23 -7.49 -1.66 -6.39
C LEU A 23 -6.61 -2.89 -6.27
N GLN A 24 -7.05 -4.04 -6.82
CA GLN A 24 -6.29 -5.28 -6.65
C GLN A 24 -4.98 -5.24 -7.41
N ASN A 25 -5.01 -4.81 -8.68
CA ASN A 25 -3.79 -4.70 -9.48
C ASN A 25 -2.81 -3.71 -8.85
N ARG A 26 -3.30 -2.56 -8.38
CA ARG A 26 -2.43 -1.58 -7.74
C ARG A 26 -1.80 -2.17 -6.49
N ARG A 27 -2.64 -2.77 -5.65
CA ARG A 27 -2.17 -3.40 -4.43
C ARG A 27 -1.13 -4.48 -4.71
N GLU A 28 -1.34 -5.29 -5.76
CA GLU A 28 -0.42 -6.41 -6.03
C GLU A 28 0.90 -5.93 -6.64
N ASN A 29 0.87 -4.83 -7.40
CA ASN A 29 2.13 -4.28 -7.85
C ASN A 29 2.92 -3.70 -6.68
N SER A 30 2.23 -3.05 -5.73
CA SER A 30 2.95 -2.52 -4.57
C SER A 30 3.56 -3.63 -3.73
N GLU A 31 2.87 -4.78 -3.60
CA GLU A 31 3.44 -5.90 -2.85
C GLU A 31 4.80 -6.29 -3.41
N GLN A 32 4.90 -6.38 -4.73
CA GLN A 32 6.14 -6.81 -5.38
C GLN A 32 7.20 -5.71 -5.29
N PHE A 33 6.78 -4.45 -5.42
CA PHE A 33 7.65 -3.31 -5.07
C PHE A 33 8.22 -3.45 -3.65
N SER A 34 7.38 -3.81 -2.69
CA SER A 34 7.83 -3.89 -1.29
C SER A 34 8.90 -4.97 -1.13
N THR A 35 8.68 -6.16 -1.72
CA THR A 35 9.71 -7.20 -1.58
C THR A 35 11.00 -6.82 -2.31
N THR A 36 10.87 -6.06 -3.40
CA THR A 36 12.07 -5.57 -4.09
C THR A 36 12.93 -4.71 -3.17
N TYR A 37 12.29 -3.89 -2.31
CA TYR A 37 13.06 -3.10 -1.34
C TYR A 37 13.40 -3.85 -0.04
N SER A 38 12.64 -4.86 0.33
CA SER A 38 12.92 -5.48 1.63
C SER A 38 13.73 -6.76 1.51
N PHE A 39 13.67 -7.46 0.37
CA PHE A 39 14.49 -8.65 0.14
C PHE A 39 15.77 -8.17 -0.53
N TRP A 40 16.64 -7.60 0.29
CA TRP A 40 17.77 -6.79 -0.16
C TRP A 40 18.82 -6.80 0.93
N THR A 41 19.98 -7.41 0.66
CA THR A 41 20.99 -7.57 1.71
C THR A 41 21.38 -6.25 2.34
N ASP A 42 21.64 -5.24 1.53
CA ASP A 42 22.02 -3.94 2.08
C ASP A 42 20.93 -3.36 2.97
N ALA A 43 19.66 -3.57 2.61
CA ALA A 43 18.56 -3.10 3.45
C ALA A 43 18.61 -3.78 4.81
N TYR A 44 18.80 -5.10 4.82
CA TYR A 44 18.93 -5.84 6.06
C TYR A 44 20.10 -5.31 6.87
N VAL A 45 21.20 -4.99 6.20
CA VAL A 45 22.36 -4.46 6.91
C VAL A 45 22.03 -3.09 7.49
N TYR A 46 21.44 -2.19 6.70
CA TYR A 46 21.31 -0.82 7.16
C TYR A 46 19.99 -0.52 7.89
N LEU A 47 19.00 -1.42 7.84
CA LEU A 47 17.70 -1.19 8.47
C LEU A 47 17.21 -2.35 9.31
N GLY A 48 17.94 -3.48 9.33
CA GLY A 48 17.43 -4.65 10.02
C GLY A 48 17.50 -4.58 11.52
N ASN A 49 18.47 -3.84 12.05
CA ASN A 49 18.56 -3.67 13.49
C ASN A 49 18.27 -2.22 13.81
N ARG A 50 19.29 -1.40 13.63
CA ARG A 50 19.29 0.01 13.95
C ARG A 50 19.32 0.83 12.66
N VAL A 51 18.27 1.63 12.42
CA VAL A 51 18.10 2.22 11.10
C VAL A 51 19.12 3.33 10.89
N ASP A 52 19.73 3.36 9.73
CA ASP A 52 20.64 4.42 9.34
C ASP A 52 19.89 5.39 8.43
N ALA A 53 19.50 6.55 8.98
CA ALA A 53 18.82 7.57 8.19
C ALA A 53 19.75 8.29 7.22
N ASP A 54 21.05 8.23 7.46
CA ASP A 54 22.02 8.66 6.45
C ASP A 54 21.93 7.79 5.19
N TRP A 55 22.07 6.47 5.35
CA TRP A 55 21.99 5.57 4.21
C TRP A 55 20.61 5.59 3.58
N ALA A 56 19.56 5.62 4.42
CA ALA A 56 18.18 5.51 3.92
C ALA A 56 17.72 6.80 3.26
N PHE A 57 17.79 7.91 4.01
CA PHE A 57 17.26 9.17 3.53
C PHE A 57 18.32 10.03 2.85
N THR A 58 19.44 10.31 3.55
CA THR A 58 20.46 11.20 2.99
C THR A 58 21.09 10.61 1.72
N LYS A 59 21.41 9.31 1.72
CA LYS A 59 21.92 8.69 0.50
C LYS A 59 20.82 8.13 -0.42
N ASN A 60 19.54 8.35 -0.08
CA ASN A 60 18.43 8.08 -0.99
C ASN A 60 18.35 6.60 -1.40
N ASN A 61 18.69 5.70 -0.48
CA ASN A 61 18.45 4.30 -0.78
C ASN A 61 17.02 3.89 -0.43
N LEU A 62 16.39 4.62 0.49
CA LEU A 62 15.00 4.44 0.90
C LEU A 62 14.51 5.84 1.26
N GLY A 63 14.53 6.73 0.27
CA GLY A 63 14.37 8.16 0.51
C GLY A 63 13.17 8.78 -0.16
N SER A 64 13.22 10.12 -0.27
CA SER A 64 12.04 10.90 -0.63
C SER A 64 11.46 10.52 -1.99
N VAL A 65 12.28 9.97 -2.89
CA VAL A 65 11.80 9.58 -4.22
C VAL A 65 10.62 8.63 -4.10
N LEU A 66 10.64 7.77 -3.07
CA LEU A 66 9.53 6.87 -2.79
C LEU A 66 8.20 7.63 -2.70
N TYR A 67 8.23 8.87 -2.24
CA TYR A 67 7.03 9.70 -2.31
C TYR A 67 6.98 10.48 -3.63
N THR A 68 8.04 11.25 -3.95
CA THR A 68 7.93 12.19 -5.07
C THR A 68 7.72 11.49 -6.42
N THR A 69 8.27 10.27 -6.59
CA THR A 69 7.99 9.46 -7.77
C THR A 69 6.94 8.38 -7.49
N ASN A 70 7.18 7.47 -6.54
CA ASN A 70 6.36 6.26 -6.42
C ASN A 70 5.03 6.47 -5.73
N GLY A 71 4.81 7.59 -5.06
CA GLY A 71 3.51 7.81 -4.46
C GLY A 71 3.26 7.26 -3.07
N TYR A 72 4.29 6.82 -2.34
CA TYR A 72 4.08 6.29 -1.00
C TYR A 72 4.18 7.42 0.01
N ASP A 73 3.01 7.92 0.37
CA ASP A 73 2.78 8.90 1.41
C ASP A 73 3.44 8.53 2.72
N GLY A 74 3.45 7.24 3.03
CA GLY A 74 4.08 6.75 4.22
C GLY A 74 4.99 5.57 3.99
N VAL A 75 6.24 5.69 4.45
CA VAL A 75 7.24 4.64 4.39
C VAL A 75 7.75 4.43 5.82
N PHE A 76 7.70 3.18 6.29
CA PHE A 76 8.01 2.86 7.67
C PHE A 76 8.93 1.66 7.72
N VAL A 77 9.72 1.58 8.80
CA VAL A 77 10.41 0.36 9.21
C VAL A 77 10.00 0.08 10.64
N ILE A 78 9.50 -1.12 10.91
CA ILE A 78 8.94 -1.44 12.21
C ILE A 78 9.61 -2.71 12.73
N ASP A 79 9.77 -2.78 14.05
CA ASP A 79 10.22 -4.00 14.71
C ASP A 79 9.40 -4.18 16.00
N ASP A 80 9.80 -5.15 16.83
CA ASP A 80 9.10 -5.41 18.08
C ASP A 80 8.98 -4.16 18.94
N ARG A 81 9.97 -3.28 18.91
CA ARG A 81 9.86 -2.06 19.72
C ARG A 81 8.84 -1.07 19.14
N GLY A 82 8.56 -1.14 17.84
CA GLY A 82 7.68 -0.17 17.22
C GLY A 82 8.28 0.46 15.98
N THR A 83 7.95 1.72 15.70
CA THR A 83 8.41 2.36 14.47
C THR A 83 9.85 2.84 14.62
N ARG A 84 10.74 2.30 13.80
CA ARG A 84 12.14 2.66 13.83
C ARG A 84 12.52 3.70 12.78
N TYR A 85 11.76 3.78 11.69
CA TYR A 85 11.97 4.76 10.64
C TYR A 85 10.60 5.19 10.14
N ALA A 86 10.42 6.50 9.96
CA ALA A 86 9.18 7.02 9.38
C ALA A 86 9.55 8.14 8.42
N MET A 87 9.00 8.07 7.21
CA MET A 87 9.11 9.11 6.21
C MET A 87 7.69 9.41 5.75
N LEU A 88 7.19 10.60 6.08
CA LEU A 88 5.84 11.00 5.74
C LEU A 88 5.88 12.12 4.70
N GLU A 89 5.27 11.88 3.53
CA GLU A 89 5.34 12.76 2.35
C GLU A 89 6.77 13.20 2.02
N GLY A 90 7.68 12.22 2.02
CA GLY A 90 9.05 12.43 1.59
C GLY A 90 9.97 13.06 2.61
N GLU A 91 9.48 13.29 3.83
CA GLU A 91 10.23 13.99 4.86
C GLU A 91 10.30 13.11 6.11
N LEU A 92 11.44 13.13 6.79
CA LEU A 92 11.64 12.26 7.93
C LEU A 92 10.78 12.68 9.12
N SER A 93 10.22 11.70 9.83
CA SER A 93 9.34 11.95 10.95
C SER A 93 9.66 11.03 12.13
N GLU A 94 9.34 11.48 13.34
CA GLU A 94 9.38 10.59 14.49
C GLU A 94 8.00 10.04 14.79
N ARG A 95 7.06 10.24 13.88
CA ARG A 95 5.71 9.77 14.07
C ARG A 95 5.70 8.26 13.85
N SER A 96 4.90 7.56 14.64
CA SER A 96 4.81 6.12 14.54
C SER A 96 3.81 5.73 13.48
N LEU A 97 4.03 4.54 12.89
CA LEU A 97 2.96 3.91 12.11
C LEU A 97 1.69 3.74 12.95
N ALA A 98 1.85 3.36 14.23
CA ALA A 98 0.68 3.07 15.06
C ALA A 98 -0.25 4.27 15.17
N ASP A 99 0.30 5.50 15.18
CA ASP A 99 -0.52 6.70 15.24
C ASP A 99 -1.13 7.03 13.88
N SER A 100 -0.41 6.69 12.80
CA SER A 100 -0.84 7.04 11.45
C SER A 100 -2.01 6.21 10.93
N LEU A 101 -2.22 5.01 11.48
CA LEU A 101 -3.15 4.04 10.91
C LEU A 101 -4.13 3.57 11.96
N ASN A 102 -5.27 3.07 11.50
CA ASN A 102 -6.14 2.33 12.38
C ASN A 102 -5.65 0.89 12.58
N ALA A 103 -4.84 0.34 11.68
CA ALA A 103 -4.37 -1.04 11.85
C ALA A 103 -3.27 -1.11 12.90
N ASP A 104 -2.95 -2.33 13.36
CA ASP A 104 -2.03 -2.52 14.49
C ASP A 104 -0.61 -2.83 14.02
N THR A 105 0.39 -2.19 14.65
CA THR A 105 1.79 -2.42 14.28
C THR A 105 2.17 -3.89 14.43
N GLY A 106 1.78 -4.53 15.54
CA GLY A 106 2.21 -5.89 15.78
C GLY A 106 1.54 -6.91 14.87
N ASP A 107 0.28 -6.67 14.51
CA ASP A 107 -0.35 -7.56 13.55
C ASP A 107 0.37 -7.50 12.21
N ILE A 108 0.71 -6.30 11.75
CA ILE A 108 1.38 -6.15 10.47
C ILE A 108 2.81 -6.71 10.53
N LEU A 109 3.48 -6.52 11.67
CA LEU A 109 4.80 -7.11 11.83
C LEU A 109 4.75 -8.63 11.66
N ARG A 110 3.87 -9.31 12.43
CA ARG A 110 3.78 -10.77 12.41
C ARG A 110 3.32 -11.29 11.04
N SER A 111 2.24 -10.72 10.49
CA SER A 111 1.79 -11.15 9.16
C SER A 111 2.93 -11.09 8.15
N ALA A 112 3.69 -9.99 8.15
CA ALA A 112 4.78 -9.81 7.18
C ALA A 112 5.94 -10.77 7.44
N ARG A 113 6.30 -10.97 8.70
CA ARG A 113 7.34 -11.95 9.01
C ARG A 113 6.96 -13.35 8.51
N ARG A 114 5.68 -13.71 8.61
CA ARG A 114 5.26 -15.07 8.29
C ARG A 114 5.23 -15.30 6.78
N ALA A 115 4.78 -14.31 6.02
CA ALA A 115 4.70 -14.55 4.58
C ALA A 115 6.06 -14.40 3.91
N ALA A 116 7.03 -13.81 4.60
CA ALA A 116 8.38 -13.77 4.04
C ALA A 116 8.90 -15.19 3.83
N VAL A 117 8.40 -16.16 4.61
CA VAL A 117 8.90 -17.53 4.45
C VAL A 117 8.55 -18.08 3.08
N ASP A 118 7.40 -17.69 2.52
CA ASP A 118 7.09 -17.97 1.10
C ASP A 118 7.50 -16.86 0.15
N GLU A 119 8.38 -15.95 0.55
CA GLU A 119 8.86 -14.88 -0.34
C GLU A 119 7.72 -13.96 -0.75
N ALA A 120 6.73 -13.79 0.12
CA ALA A 120 5.58 -12.95 -0.20
C ALA A 120 5.49 -11.75 0.75
N ALA A 121 4.75 -10.73 0.30
CA ALA A 121 4.37 -9.57 1.09
C ALA A 121 2.92 -9.70 1.58
N ILE A 122 2.48 -8.70 2.35
CA ILE A 122 1.09 -8.61 2.82
C ILE A 122 0.56 -7.31 2.30
N SER A 123 -0.77 -7.22 2.28
CA SER A 123 -1.43 -5.99 1.86
C SER A 123 -2.83 -5.93 2.45
N ARG A 124 -3.32 -4.71 2.58
CA ARG A 124 -4.65 -4.46 3.11
C ARG A 124 -4.95 -2.99 2.95
N TYR A 125 -6.21 -2.64 3.19
CA TYR A 125 -6.65 -1.26 3.19
C TYR A 125 -6.67 -0.74 4.62
N VAL A 126 -6.35 0.55 4.76
CA VAL A 126 -6.24 1.18 6.06
C VAL A 126 -6.82 2.60 6.00
N ASP A 127 -7.12 3.12 7.18
CA ASP A 127 -7.42 4.53 7.36
C ASP A 127 -6.11 5.22 7.75
N PHE A 128 -5.61 6.10 6.88
CA PHE A 128 -4.36 6.83 7.09
C PHE A 128 -4.67 8.31 7.17
N ASP A 129 -4.54 8.90 8.37
CA ASP A 129 -4.92 10.30 8.60
C ASP A 129 -6.29 10.63 8.03
N GLY A 130 -7.26 9.77 8.32
CA GLY A 130 -8.61 10.08 7.85
C GLY A 130 -8.81 9.93 6.38
N ALA A 131 -7.88 9.29 5.66
CA ALA A 131 -8.13 9.05 4.25
C ALA A 131 -7.94 7.58 3.92
N PRO A 132 -8.59 7.09 2.87
CA PRO A 132 -8.37 5.70 2.45
C PRO A 132 -6.93 5.50 2.01
N ALA A 133 -6.43 4.29 2.18
CA ALA A 133 -5.06 4.02 1.80
C ALA A 133 -4.86 2.51 1.57
N ILE A 134 -3.92 2.21 0.67
CA ILE A 134 -3.41 0.85 0.47
C ILE A 134 -2.11 0.69 1.27
N LEU A 135 -2.04 -0.35 2.08
CA LEU A 135 -0.84 -0.70 2.84
C LEU A 135 -0.25 -2.00 2.30
N VAL A 136 1.07 -2.00 2.01
CA VAL A 136 1.83 -3.23 1.74
C VAL A 136 3.00 -3.28 2.72
N ALA A 137 3.45 -4.50 3.04
CA ALA A 137 4.58 -4.68 3.96
C ALA A 137 5.27 -6.01 3.70
N SER A 138 6.60 -6.00 3.81
CA SER A 138 7.38 -7.22 3.67
C SER A 138 8.56 -7.20 4.63
N ALA A 139 8.95 -8.40 5.11
CA ALA A 139 10.04 -8.52 6.06
C ALA A 139 11.34 -8.10 5.42
N ILE A 140 12.20 -7.45 6.19
CA ILE A 140 13.52 -7.07 5.71
C ILE A 140 14.44 -8.28 5.86
N LYS A 141 14.80 -8.86 4.72
CA LYS A 141 15.50 -10.15 4.63
C LYS A 141 16.64 -10.02 3.63
N PRO A 142 17.79 -10.64 3.90
CA PRO A 142 18.86 -10.66 2.90
C PRO A 142 18.62 -11.76 1.87
N THR A 143 19.40 -11.73 0.80
CA THR A 143 19.13 -12.67 -0.29
C THR A 143 19.80 -14.03 -0.04
N SER A 144 19.47 -14.98 -0.92
CA SER A 144 19.58 -16.40 -0.61
C SER A 144 21.02 -16.82 -0.32
N ASP A 145 21.99 -16.09 -0.86
CA ASP A 145 23.39 -16.38 -0.61
C ASP A 145 23.74 -16.20 0.86
N HIS A 146 23.07 -15.27 1.55
CA HIS A 146 23.31 -15.03 2.96
C HIS A 146 22.93 -16.26 3.79
N ALA A 147 23.38 -16.25 5.04
CA ALA A 147 23.06 -17.32 5.95
C ALA A 147 21.58 -17.24 6.36
N PRO A 148 20.99 -18.35 6.78
CA PRO A 148 19.59 -18.30 7.25
C PRO A 148 19.46 -17.38 8.44
N ILE A 149 18.61 -16.37 8.31
CA ILE A 149 18.34 -15.48 9.42
C ILE A 149 17.10 -15.94 10.16
N ASP A 150 16.88 -15.38 11.35
CA ASP A 150 15.64 -15.63 12.08
C ASP A 150 14.65 -14.51 11.73
N LEU A 151 13.61 -14.87 10.98
CA LEU A 151 12.59 -13.93 10.59
C LEU A 151 11.79 -13.43 11.78
N ALA A 152 11.82 -14.19 12.90
CA ALA A 152 11.06 -13.83 14.09
C ALA A 152 11.47 -12.46 14.63
N LYS A 153 12.73 -12.05 14.42
CA LYS A 153 13.23 -10.72 14.81
C LYS A 153 13.45 -9.82 13.60
N ALA A 154 13.00 -10.27 12.43
CA ALA A 154 13.15 -9.49 11.22
C ALA A 154 12.34 -8.21 11.34
N SER A 155 12.97 -7.09 10.98
CA SER A 155 12.22 -5.85 10.87
C SER A 155 11.37 -5.91 9.60
N VAL A 156 10.34 -5.07 9.55
CA VAL A 156 9.39 -5.08 8.45
C VAL A 156 9.28 -3.69 7.86
N MET A 157 9.31 -3.64 6.54
CA MET A 157 9.14 -2.42 5.74
C MET A 157 7.67 -2.24 5.35
N VAL A 158 7.16 -1.01 5.45
CA VAL A 158 5.74 -0.72 5.19
C VAL A 158 5.63 0.47 4.24
N PHE A 159 4.88 0.29 3.17
CA PHE A 159 4.62 1.34 2.20
C PHE A 159 3.13 1.67 2.25
N VAL A 160 2.79 2.93 2.51
CA VAL A 160 1.38 3.35 2.60
C VAL A 160 1.10 4.30 1.44
N ASP A 161 0.09 3.95 0.66
CA ASP A 161 -0.32 4.62 -0.57
C ASP A 161 -1.68 5.26 -0.28
N ARG A 162 -1.66 6.55 0.02
CA ARG A 162 -2.86 7.28 0.39
C ARG A 162 -3.61 7.64 -0.88
N LEU A 163 -4.88 7.23 -0.96
CA LEU A 163 -5.73 7.43 -2.13
C LEU A 163 -6.36 8.83 -2.08
N THR A 164 -5.56 9.82 -2.44
CA THR A 164 -5.98 11.20 -2.51
C THR A 164 -6.91 11.42 -3.69
N PRO A 165 -7.62 12.56 -3.72
CA PRO A 165 -8.50 12.85 -4.89
C PRO A 165 -7.83 12.66 -6.25
N ALA A 166 -6.65 13.22 -6.48
CA ALA A 166 -6.02 13.14 -7.80
C ALA A 166 -5.61 11.71 -8.14
N LYS A 167 -5.01 10.98 -7.18
CA LYS A 167 -4.61 9.59 -7.43
C LYS A 167 -5.83 8.71 -7.75
N LEU A 168 -6.90 8.84 -6.95
CA LEU A 168 -8.15 8.16 -7.26
C LEU A 168 -8.64 8.53 -8.64
N ALA A 169 -8.67 9.83 -8.95
CA ALA A 169 -9.12 10.29 -10.27
C ALA A 169 -8.33 9.61 -11.39
N LYS A 170 -7.00 9.66 -11.30
CA LYS A 170 -6.16 9.01 -12.32
C LYS A 170 -6.36 7.50 -12.31
N LEU A 171 -6.55 6.90 -11.14
CA LEU A 171 -6.77 5.45 -11.05
C LEU A 171 -8.03 5.04 -11.83
N GLY A 172 -9.11 5.79 -11.67
CA GLY A 172 -10.33 5.46 -12.39
C GLY A 172 -10.15 5.53 -13.91
N GLY A 173 -9.60 6.65 -14.39
CA GLY A 173 -9.25 6.77 -15.81
C GLY A 173 -8.44 5.60 -16.34
N ASP A 174 -7.55 5.03 -15.51
CA ASP A 174 -6.74 3.89 -15.98
C ASP A 174 -7.60 2.67 -16.27
N TYR A 175 -8.83 2.64 -15.73
CA TYR A 175 -9.71 1.48 -15.84
C TYR A 175 -11.08 1.82 -16.44
N GLY A 176 -11.22 2.99 -17.04
CA GLY A 176 -12.49 3.33 -17.68
C GLY A 176 -13.58 3.81 -16.75
N ILE A 177 -13.25 4.15 -15.49
CA ILE A 177 -14.21 4.65 -14.52
C ILE A 177 -14.23 6.17 -14.55
N ALA A 178 -15.42 6.75 -14.44
CA ALA A 178 -15.62 8.20 -14.43
C ALA A 178 -15.85 8.70 -13.01
N ASN A 179 -15.05 9.70 -12.61
CA ASN A 179 -15.23 10.40 -11.34
C ASN A 179 -15.12 9.49 -10.12
N LEU A 180 -14.12 8.61 -10.13
CA LEU A 180 -13.81 7.82 -8.95
C LEU A 180 -13.36 8.77 -7.84
N HIS A 181 -14.04 8.73 -6.69
CA HIS A 181 -13.72 9.63 -5.59
C HIS A 181 -14.05 8.98 -4.26
N LEU A 182 -13.60 9.63 -3.17
CA LEU A 182 -14.04 9.23 -1.83
C LEU A 182 -15.43 9.80 -1.57
N LEU A 183 -16.32 8.95 -1.06
CA LEU A 183 -17.66 9.41 -0.72
C LEU A 183 -17.62 10.27 0.54
N ALA A 184 -18.19 11.48 0.45
CA ALA A 184 -18.27 12.41 1.59
C ALA A 184 -19.09 11.82 2.75
N ASP A 190 -28.07 6.72 -8.09
CA ASP A 190 -27.51 8.07 -8.08
C ASP A 190 -25.97 8.03 -8.29
N LYS A 191 -25.28 7.21 -7.50
CA LYS A 191 -23.86 6.93 -7.66
C LYS A 191 -23.57 5.55 -7.10
N GLU A 192 -22.70 4.82 -7.78
CA GLU A 192 -22.27 3.55 -7.25
C GLU A 192 -21.21 3.77 -6.17
N SER A 193 -20.99 2.74 -5.34
CA SER A 193 -19.96 2.78 -4.32
C SER A 193 -19.65 1.38 -3.81
N LEU A 194 -18.48 1.25 -3.19
CA LEU A 194 -18.12 0.05 -2.44
C LEU A 194 -17.36 0.48 -1.19
N ALA A 195 -17.47 -0.33 -0.14
CA ALA A 195 -16.69 -0.06 1.07
C ALA A 195 -15.27 -0.56 0.92
N LEU A 196 -14.32 0.22 1.44
CA LEU A 196 -12.95 -0.28 1.51
C LEU A 196 -12.83 -1.04 2.82
N GLU A 197 -12.92 -2.38 2.73
CA GLU A 197 -12.95 -3.21 3.93
C GLU A 197 -11.68 -3.01 4.74
N GLY A 198 -11.87 -2.86 6.05
CA GLY A 198 -10.81 -2.48 6.95
C GLY A 198 -10.67 -0.98 7.17
N THR A 199 -11.55 -0.17 6.56
CA THR A 199 -11.53 1.27 6.71
C THR A 199 -12.96 1.75 6.91
N PRO A 200 -13.15 3.00 7.37
CA PRO A 200 -14.49 3.60 7.36
C PRO A 200 -14.87 4.26 6.04
N HIS A 201 -14.10 4.06 4.98
CA HIS A 201 -14.24 4.81 3.74
C HIS A 201 -14.93 3.96 2.67
N ARG A 202 -15.66 4.65 1.80
CA ARG A 202 -16.27 4.07 0.62
C ARG A 202 -15.75 4.82 -0.61
N LEU A 203 -15.52 4.10 -1.71
CA LEU A 203 -15.17 4.71 -2.99
C LEU A 203 -16.43 4.78 -3.85
N ALA A 204 -16.66 5.94 -4.47
CA ALA A 204 -17.87 6.18 -5.23
C ALA A 204 -17.50 6.66 -6.63
N TRP A 205 -18.45 6.49 -7.56
CA TRP A 205 -18.28 6.87 -8.96
C TRP A 205 -19.67 6.93 -9.59
N VAL A 206 -19.73 7.51 -10.78
CA VAL A 206 -21.00 7.58 -11.50
C VAL A 206 -21.31 6.24 -12.16
N SER A 207 -22.53 5.73 -11.90
CA SER A 207 -23.01 4.44 -12.41
C SER A 207 -23.21 4.56 -13.91
N SER A 208 -22.19 4.23 -14.68
CA SER A 208 -22.26 4.31 -16.13
C SER A 208 -21.53 3.14 -16.74
N ARG A 209 -21.39 3.16 -18.06
CA ARG A 209 -20.79 2.06 -18.79
C ARG A 209 -19.28 2.23 -18.78
N PRO A 210 -18.54 1.38 -18.06
CA PRO A 210 -17.08 1.56 -17.99
C PRO A 210 -16.45 1.18 -19.33
N GLY A 211 -15.34 1.79 -19.63
CA GLY A 211 -14.77 1.54 -20.94
C GLY A 211 -14.16 2.83 -21.46
N SER A 212 -14.20 2.99 -22.79
CA SER A 212 -13.51 4.14 -23.36
C SER A 212 -14.38 5.40 -23.28
N ALA A 213 -13.72 6.54 -23.46
CA ALA A 213 -14.43 7.81 -23.61
C ALA A 213 -15.45 7.78 -24.75
N MET A 214 -15.19 6.98 -25.78
CA MET A 214 -15.97 6.98 -27.01
C MET A 214 -17.48 6.88 -26.78
#